data_7AW9
#
_entry.id   7AW9
#
_cell.length_a   76.840
_cell.length_b   127.660
_cell.length_c   198.980
_cell.angle_alpha   90.000
_cell.angle_beta   90.000
_cell.angle_gamma   90.000
#
_symmetry.space_group_name_H-M   'I 2 2 2'
#
loop_
_entity.id
_entity.type
_entity.pdbx_description
1 polymer HapB
2 polymer 'Transcription factor HapC (Eurofung)'
3 polymer 'CBFD_NFYB_HMF domain-containing protein'
4 polymer 'BZIP domain-containing protein'
5 polymer DNA
6 polymer DNA
7 non-polymer 'CHLORIDE ION'
#
loop_
_entity_poly.entity_id
_entity_poly.type
_entity_poly.pdbx_seq_one_letter_code
_entity_poly.pdbx_strand_id
1 'polypeptide(L)' MESPLYVNAKQFHRILKRRVARQKLEEQLRLTSKGRKPYLHESRHNHAMRRPRGPGGRFLTADE A
2 'polypeptide(L)'
;MKEQDRWLPIANVARIMKLALPENAKIAKEAKECMQECVSEFISFITSEASEKCQQEKRKTVNGEDILFAMTSLGFENYA
EALKIYLSKYRE
;
B
3 'polypeptide(L)'
;MGTWANVNQGLQGTARDILTTYWQHVINHLESDNHDYKIHQLPLARIKKVMKADPEVKMISAEAPILFAKGCDVFITELT
MRAWIHAEDNKRRTLQRSDIAAALSKSDMFDFLIDIVPR
;
C
4 'polypeptide(L)'
;GSVTSKEWIIPPRPKPGRKPATDTPPTKRKAQNRAAQRAFRERRAARVSELEDQIKKIEDDHEIHVATFKEQIANLSREV
EQCRTEMGWWRDRSHALE
;
D,E
5 'polydeoxyribonucleotide'
;(DT)(DT)(DA)(DT)(DT)(DG)(DC)(DT)(DG)(DA)(DC)(DA)(DA)(DT)(DC)(DA)(DC)(DG)(DG)(DA)
(DG)(DG)(DC)(DG)(DT)(DT)(DG)(DA)(DT)(DT)(DG)(DG)(DT)(DG)(DG)(DA)(DT)
;
F
6 'polydeoxyribonucleotide'
;(DA)(DA)(DA)(DT)(DC)(DC)(DA)(DC)(DC)(DA)(DA)(DT)(DC)(DA)(DA)(DC)(DG)(DC)(DC)(DT)
(DC)(DC)(DG)(DT)(DG)(DA)(DT)(DT)(DG)(DT)(DC)(DA)(DG)(DC)(DA)(DA)(DT)
;
G
#
# COMPACT_ATOMS: atom_id res chain seq x y z
N LEU A 5 4.07 -16.66 18.40
CA LEU A 5 3.80 -16.64 16.93
C LEU A 5 2.66 -15.64 16.64
N TYR A 6 3.02 -14.41 16.27
CA TYR A 6 2.09 -13.29 15.95
C TYR A 6 2.50 -12.65 14.61
N VAL A 7 1.57 -12.56 13.66
CA VAL A 7 1.78 -11.99 12.30
C VAL A 7 1.49 -10.48 12.33
N ASN A 8 2.13 -9.73 11.43
CA ASN A 8 2.01 -8.24 11.30
C ASN A 8 0.52 -7.89 11.14
N ALA A 9 -0.04 -7.10 12.06
CA ALA A 9 -1.46 -6.71 12.12
C ALA A 9 -1.82 -5.81 10.94
N LYS A 10 -0.85 -5.06 10.41
CA LYS A 10 -1.02 -4.12 9.27
C LYS A 10 -1.30 -4.92 7.99
N GLN A 11 -0.55 -6.01 7.79
CA GLN A 11 -0.62 -6.89 6.59
C GLN A 11 -1.81 -7.85 6.70
N PHE A 12 -2.11 -8.30 7.92
CA PHE A 12 -3.09 -9.37 8.23
C PHE A 12 -4.33 -9.25 7.31
N HIS A 13 -5.03 -8.12 7.37
CA HIS A 13 -6.28 -7.86 6.61
C HIS A 13 -6.11 -8.31 5.16
N ARG A 14 -5.02 -7.88 4.51
CA ARG A 14 -4.76 -8.05 3.06
C ARG A 14 -4.36 -9.51 2.77
N ILE A 15 -3.66 -10.17 3.68
CA ILE A 15 -3.20 -11.58 3.54
C ILE A 15 -4.44 -12.48 3.40
N LEU A 16 -5.50 -12.16 4.15
CA LEU A 16 -6.79 -12.90 4.14
C LEU A 16 -7.54 -12.58 2.84
N LYS A 17 -7.58 -11.30 2.46
CA LYS A 17 -8.24 -10.81 1.22
C LYS A 17 -7.61 -11.48 0.00
N ARG A 18 -6.27 -11.69 0.03
CA ARG A 18 -5.49 -12.32 -1.06
C ARG A 18 -5.70 -13.84 -1.05
N ARG A 19 -5.69 -14.47 0.14
CA ARG A 19 -5.89 -15.93 0.32
C ARG A 19 -7.17 -16.36 -0.43
N VAL A 20 -8.24 -15.55 -0.34
CA VAL A 20 -9.52 -15.76 -1.06
C VAL A 20 -9.26 -15.64 -2.56
N ALA A 21 -8.73 -14.49 -2.98
CA ALA A 21 -8.47 -14.11 -4.40
C ALA A 21 -7.55 -15.13 -5.07
N ARG A 22 -6.52 -15.62 -4.36
CA ARG A 22 -5.57 -16.66 -4.84
C ARG A 22 -6.34 -17.95 -5.14
N GLN A 23 -7.30 -18.31 -4.28
CA GLN A 23 -8.07 -19.57 -4.36
C GLN A 23 -9.09 -19.48 -5.51
N LYS A 24 -9.89 -18.40 -5.55
CA LYS A 24 -10.96 -18.18 -6.56
C LYS A 24 -10.35 -18.16 -7.96
N LEU A 25 -9.24 -17.42 -8.14
CA LEU A 25 -8.51 -17.30 -9.42
C LEU A 25 -7.92 -18.65 -9.81
N GLU A 26 -7.38 -19.40 -8.84
CA GLU A 26 -6.76 -20.74 -9.06
C GLU A 26 -7.83 -21.74 -9.54
N GLU A 27 -9.05 -21.65 -8.98
CA GLU A 27 -10.22 -22.49 -9.38
C GLU A 27 -10.67 -22.10 -10.80
N GLN A 28 -10.66 -20.81 -11.12
CA GLN A 28 -11.00 -20.27 -12.47
C GLN A 28 -9.95 -20.73 -13.49
N LEU A 29 -8.67 -20.78 -13.10
CA LEU A 29 -7.56 -21.33 -13.91
C LEU A 29 -7.70 -22.86 -14.02
N ARG A 30 -8.29 -23.49 -13.00
CA ARG A 30 -8.50 -24.96 -12.88
C ARG A 30 -7.13 -25.66 -12.74
N LEU A 31 -6.08 -24.90 -12.39
CA LEU A 31 -4.72 -25.44 -12.11
C LEU A 31 -4.66 -25.81 -10.62
N THR A 32 -5.42 -26.82 -10.21
CA THR A 32 -5.48 -27.36 -8.82
C THR A 32 -4.11 -27.91 -8.44
N SER A 33 -3.31 -28.34 -9.44
CA SER A 33 -1.89 -28.77 -9.29
C SER A 33 -1.00 -27.54 -9.06
N LYS A 34 -0.19 -27.57 -8.00
CA LYS A 34 0.74 -26.47 -7.61
C LYS A 34 2.05 -26.59 -8.43
N GLY A 35 2.31 -27.76 -9.00
CA GLY A 35 3.52 -28.06 -9.80
C GLY A 35 3.59 -27.24 -11.08
N ARG A 36 4.76 -26.67 -11.38
CA ARG A 36 5.05 -25.95 -12.64
C ARG A 36 5.28 -26.97 -13.76
N LYS A 37 5.09 -26.56 -15.02
CA LYS A 37 5.31 -27.41 -16.22
C LYS A 37 6.80 -27.51 -16.49
N PRO A 38 7.26 -28.57 -17.21
CA PRO A 38 8.67 -28.69 -17.57
C PRO A 38 9.11 -27.61 -18.57
N TYR A 39 8.26 -27.29 -19.56
CA TYR A 39 8.44 -26.18 -20.54
C TYR A 39 7.12 -25.43 -20.70
N LEU A 40 7.10 -24.38 -21.52
CA LEU A 40 5.96 -23.45 -21.71
C LEU A 40 5.43 -23.53 -23.15
N HIS A 41 6.30 -23.21 -24.12
CA HIS A 41 5.96 -23.08 -25.57
C HIS A 41 6.52 -24.28 -26.35
N GLU A 42 5.73 -24.83 -27.28
CA GLU A 42 6.08 -26.01 -28.10
C GLU A 42 7.28 -25.67 -29.00
N SER A 43 7.15 -24.60 -29.80
CA SER A 43 8.13 -24.17 -30.82
C SER A 43 9.53 -24.03 -30.22
N ARG A 44 9.63 -23.42 -29.04
CA ARG A 44 10.92 -23.18 -28.33
C ARG A 44 11.46 -24.51 -27.79
N HIS A 45 10.58 -25.36 -27.27
CA HIS A 45 10.89 -26.74 -26.82
C HIS A 45 11.35 -27.57 -28.03
N ASN A 46 10.74 -27.34 -29.20
CA ASN A 46 11.08 -28.00 -30.48
C ASN A 46 12.44 -27.48 -30.95
N HIS A 47 12.62 -26.16 -30.97
CA HIS A 47 13.86 -25.46 -31.40
C HIS A 47 15.04 -25.85 -30.50
N ALA A 48 14.80 -26.00 -29.20
CA ALA A 48 15.81 -26.38 -28.19
C ALA A 48 16.47 -27.72 -28.57
N MET A 49 15.70 -28.64 -29.15
CA MET A 49 16.15 -29.97 -29.60
C MET A 49 16.77 -29.87 -31.01
N ARG A 50 16.20 -29.01 -31.86
CA ARG A 50 16.60 -28.79 -33.28
C ARG A 50 18.07 -28.35 -33.36
N ARG A 51 18.48 -27.41 -32.51
CA ARG A 51 19.78 -26.69 -32.59
C ARG A 51 20.95 -27.65 -32.44
N PRO A 52 22.09 -27.39 -33.12
CA PRO A 52 23.27 -28.26 -33.03
C PRO A 52 24.02 -28.10 -31.69
N ARG A 53 24.14 -29.21 -30.95
CA ARG A 53 24.79 -29.28 -29.61
C ARG A 53 26.28 -29.60 -29.79
N GLY A 54 27.06 -29.44 -28.72
CA GLY A 54 28.51 -29.68 -28.68
C GLY A 54 28.87 -30.90 -27.84
N PRO A 55 30.17 -31.12 -27.53
CA PRO A 55 30.59 -32.24 -26.69
C PRO A 55 30.16 -32.10 -25.22
N GLY A 56 29.98 -30.86 -24.75
CA GLY A 56 29.59 -30.53 -23.36
C GLY A 56 28.13 -30.10 -23.25
N GLY A 57 27.35 -30.28 -24.33
CA GLY A 57 25.91 -29.95 -24.38
C GLY A 57 25.66 -28.50 -24.78
N ARG A 58 26.71 -27.69 -24.88
CA ARG A 58 26.66 -26.27 -25.33
C ARG A 58 26.14 -26.21 -26.78
N PHE A 59 25.30 -25.22 -27.10
CA PHE A 59 24.82 -24.94 -28.47
C PHE A 59 26.00 -24.40 -29.30
N LEU A 60 26.01 -24.67 -30.62
CA LEU A 60 27.11 -24.26 -31.54
C LEU A 60 27.09 -22.73 -31.69
N MET B 1 -6.58 -13.61 -20.86
CA MET B 1 -5.55 -13.78 -19.79
C MET B 1 -4.92 -15.17 -19.91
N LYS B 2 -3.58 -15.25 -19.86
CA LYS B 2 -2.80 -16.51 -19.86
C LYS B 2 -2.66 -17.00 -18.41
N GLU B 3 -2.08 -18.20 -18.22
CA GLU B 3 -1.90 -18.82 -16.87
C GLU B 3 -0.75 -18.13 -16.15
N GLN B 4 0.38 -17.88 -16.84
CA GLN B 4 1.65 -17.39 -16.23
C GLN B 4 1.65 -15.85 -16.18
N ASP B 5 0.54 -15.20 -16.54
CA ASP B 5 0.35 -13.72 -16.41
C ASP B 5 0.49 -13.31 -14.94
N ARG B 6 0.15 -14.20 -14.01
CA ARG B 6 0.18 -13.93 -12.55
C ARG B 6 1.62 -13.89 -12.02
N TRP B 7 2.58 -14.46 -12.78
CA TRP B 7 4.04 -14.44 -12.45
C TRP B 7 4.78 -13.45 -13.35
N LEU B 8 6.08 -13.27 -13.12
CA LEU B 8 7.02 -12.50 -13.99
C LEU B 8 8.02 -13.45 -14.61
N PRO B 9 8.69 -13.06 -15.73
CA PRO B 9 9.68 -13.92 -16.37
C PRO B 9 10.79 -14.39 -15.42
N ILE B 10 11.03 -15.70 -15.36
CA ILE B 10 12.04 -16.34 -14.46
C ILE B 10 13.43 -15.76 -14.76
N ALA B 11 13.81 -15.69 -16.05
CA ALA B 11 15.13 -15.23 -16.52
C ALA B 11 15.42 -13.83 -15.95
N ASN B 12 14.44 -12.93 -16.02
CA ASN B 12 14.58 -11.51 -15.59
C ASN B 12 14.85 -11.48 -14.08
N VAL B 13 14.03 -12.19 -13.30
CA VAL B 13 14.17 -12.25 -11.81
C VAL B 13 15.53 -12.87 -11.49
N ALA B 14 15.87 -13.99 -12.14
CA ALA B 14 17.14 -14.73 -11.96
C ALA B 14 18.35 -13.81 -12.26
N ARG B 15 18.23 -12.95 -13.28
CA ARG B 15 19.29 -11.99 -13.67
C ARG B 15 19.55 -11.01 -12.52
N ILE B 16 18.48 -10.51 -11.90
CA ILE B 16 18.54 -9.51 -10.78
C ILE B 16 19.23 -10.16 -9.58
N MET B 17 18.92 -11.43 -9.32
CA MET B 17 19.48 -12.23 -8.19
C MET B 17 20.98 -12.45 -8.43
N LYS B 18 21.34 -12.88 -9.64
CA LYS B 18 22.75 -13.13 -10.06
C LYS B 18 23.59 -11.90 -9.67
N LEU B 19 23.08 -10.70 -9.98
CA LEU B 19 23.76 -9.40 -9.75
C LEU B 19 23.85 -9.10 -8.25
N ALA B 20 22.79 -9.41 -7.50
CA ALA B 20 22.68 -9.20 -6.04
C ALA B 20 23.80 -9.96 -5.31
N LEU B 21 24.25 -11.09 -5.87
CA LEU B 21 25.23 -12.02 -5.23
C LEU B 21 26.61 -11.84 -5.88
N PRO B 22 27.69 -12.42 -5.31
CA PRO B 22 29.00 -12.42 -5.95
C PRO B 22 29.03 -13.29 -7.22
N GLU B 23 30.10 -13.19 -8.03
CA GLU B 23 30.24 -13.89 -9.32
C GLU B 23 30.38 -15.40 -9.09
N ASN B 24 31.02 -15.81 -7.99
CA ASN B 24 31.33 -17.24 -7.69
C ASN B 24 30.05 -17.97 -7.24
N ALA B 25 29.05 -17.24 -6.74
CA ALA B 25 27.78 -17.82 -6.19
C ALA B 25 26.98 -18.46 -7.32
N LYS B 26 26.14 -19.45 -6.96
CA LYS B 26 25.17 -20.12 -7.86
C LYS B 26 23.79 -20.09 -7.19
N ILE B 27 22.72 -20.12 -7.99
CA ILE B 27 21.31 -20.05 -7.52
C ILE B 27 20.57 -21.30 -8.04
N ALA B 28 19.74 -21.89 -7.18
CA ALA B 28 18.97 -23.13 -7.45
C ALA B 28 17.73 -22.81 -8.29
N LYS B 29 17.46 -23.59 -9.33
CA LYS B 29 16.23 -23.50 -10.17
C LYS B 29 15.02 -23.33 -9.24
N GLU B 30 15.01 -24.07 -8.13
CA GLU B 30 13.95 -24.01 -7.07
C GLU B 30 13.83 -22.57 -6.54
N ALA B 31 14.96 -21.99 -6.13
CA ALA B 31 15.06 -20.64 -5.52
C ALA B 31 14.62 -19.58 -6.53
N LYS B 32 15.14 -19.65 -7.76
CA LYS B 32 14.74 -18.75 -8.89
C LYS B 32 13.21 -18.72 -8.95
N GLU B 33 12.58 -19.89 -9.08
CA GLU B 33 11.10 -20.07 -9.19
C GLU B 33 10.41 -19.54 -7.93
N CYS B 34 11.04 -19.71 -6.76
CA CYS B 34 10.50 -19.23 -5.45
C CYS B 34 10.46 -17.69 -5.46
N MET B 35 11.62 -17.05 -5.64
CA MET B 35 11.77 -15.59 -5.74
C MET B 35 10.70 -15.05 -6.70
N GLN B 36 10.62 -15.64 -7.90
CA GLN B 36 9.62 -15.32 -8.95
C GLN B 36 8.23 -15.18 -8.32
N GLU B 37 7.80 -16.19 -7.56
CA GLU B 37 6.46 -16.26 -6.91
C GLU B 37 6.34 -15.14 -5.87
N CYS B 38 7.40 -14.90 -5.11
CA CYS B 38 7.45 -13.89 -4.02
C CYS B 38 7.29 -12.48 -4.59
N VAL B 39 8.12 -12.11 -5.56
CA VAL B 39 8.11 -10.75 -6.20
C VAL B 39 6.78 -10.57 -6.94
N SER B 40 6.24 -11.63 -7.53
CA SER B 40 4.95 -11.59 -8.28
C SER B 40 3.80 -11.36 -7.29
N GLU B 41 3.88 -11.96 -6.10
CA GLU B 41 2.89 -11.77 -5.00
C GLU B 41 3.01 -10.34 -4.47
N PHE B 42 4.25 -9.88 -4.22
CA PHE B 42 4.58 -8.52 -3.73
C PHE B 42 3.74 -7.49 -4.49
N ILE B 43 3.64 -7.63 -5.82
CA ILE B 43 2.87 -6.74 -6.72
C ILE B 43 1.38 -6.93 -6.40
N SER B 44 0.87 -8.16 -6.54
CA SER B 44 -0.56 -8.53 -6.36
C SER B 44 -1.05 -8.16 -4.96
N PHE B 45 -0.19 -8.31 -3.95
CA PHE B 45 -0.47 -8.01 -2.52
C PHE B 45 -0.78 -6.52 -2.36
N ILE B 46 0.16 -5.68 -2.80
CA ILE B 46 0.07 -4.18 -2.72
C ILE B 46 -1.11 -3.70 -3.57
N THR B 47 -1.17 -4.15 -4.83
CA THR B 47 -2.16 -3.74 -5.86
C THR B 47 -3.59 -3.96 -5.32
N SER B 48 -3.82 -5.06 -4.60
CA SER B 48 -5.13 -5.44 -4.04
C SER B 48 -5.59 -4.38 -3.02
N GLU B 49 -4.67 -3.87 -2.19
CA GLU B 49 -4.94 -2.86 -1.14
C GLU B 49 -5.20 -1.50 -1.80
N ALA B 50 -4.39 -1.12 -2.78
CA ALA B 50 -4.52 0.13 -3.57
C ALA B 50 -5.88 0.13 -4.29
N SER B 51 -6.27 -1.02 -4.84
CA SER B 51 -7.49 -1.21 -5.67
C SER B 51 -8.76 -1.03 -4.82
N GLU B 52 -8.80 -1.70 -3.66
CA GLU B 52 -9.97 -1.68 -2.73
C GLU B 52 -10.19 -0.25 -2.22
N LYS B 53 -9.11 0.53 -2.07
CA LYS B 53 -9.17 1.96 -1.66
C LYS B 53 -9.71 2.80 -2.83
N CYS B 54 -9.27 2.50 -4.06
CA CYS B 54 -9.78 3.15 -5.31
C CYS B 54 -11.30 2.96 -5.40
N GLN B 55 -11.79 1.75 -5.11
CA GLN B 55 -13.24 1.38 -5.26
C GLN B 55 -14.07 2.01 -4.13
N GLN B 56 -13.44 2.60 -3.12
CA GLN B 56 -14.11 3.42 -2.07
C GLN B 56 -14.34 4.84 -2.62
N GLU B 57 -13.29 5.48 -3.14
CA GLU B 57 -13.35 6.84 -3.75
C GLU B 57 -14.07 6.79 -5.11
N LYS B 58 -14.26 5.59 -5.66
CA LYS B 58 -14.96 5.33 -6.96
C LYS B 58 -14.12 5.88 -8.11
N ARG B 59 -12.81 5.58 -8.10
CA ARG B 59 -11.84 5.92 -9.18
C ARG B 59 -11.43 4.62 -9.88
N LYS B 60 -11.72 4.50 -11.18
CA LYS B 60 -11.41 3.29 -11.99
C LYS B 60 -9.89 3.18 -12.19
N THR B 61 -9.26 4.29 -12.57
CA THR B 61 -7.78 4.43 -12.77
C THR B 61 -7.08 4.24 -11.43
N VAL B 62 -5.90 3.58 -11.44
CA VAL B 62 -5.01 3.38 -10.26
C VAL B 62 -3.67 4.07 -10.56
N ASN B 63 -3.38 5.17 -9.84
CA ASN B 63 -2.18 6.02 -10.06
C ASN B 63 -1.09 5.67 -9.04
N GLY B 64 0.10 6.25 -9.21
CA GLY B 64 1.30 5.98 -8.39
C GLY B 64 1.07 6.27 -6.91
N GLU B 65 0.36 7.35 -6.59
CA GLU B 65 0.09 7.79 -5.20
C GLU B 65 -0.71 6.72 -4.46
N ASP B 66 -1.62 6.03 -5.15
CA ASP B 66 -2.46 4.93 -4.57
C ASP B 66 -1.55 3.74 -4.20
N ILE B 67 -0.51 3.49 -5.00
CA ILE B 67 0.49 2.40 -4.76
C ILE B 67 1.34 2.79 -3.54
N LEU B 68 1.92 4.00 -3.54
CA LEU B 68 2.78 4.51 -2.44
C LEU B 68 2.00 4.51 -1.13
N PHE B 69 0.72 4.93 -1.16
CA PHE B 69 -0.18 4.94 0.00
C PHE B 69 -0.45 3.51 0.47
N ALA B 70 -0.72 2.60 -0.47
CA ALA B 70 -1.00 1.16 -0.21
C ALA B 70 0.19 0.53 0.51
N MET B 71 1.42 0.92 0.14
CA MET B 71 2.68 0.35 0.67
C MET B 71 2.88 0.76 2.14
N THR B 72 2.65 2.04 2.49
CA THR B 72 2.78 2.57 3.88
C THR B 72 1.65 2.01 4.77
N SER B 73 0.48 1.72 4.19
CA SER B 73 -0.66 1.06 4.87
C SER B 73 -0.25 -0.36 5.29
N LEU B 74 0.45 -1.09 4.42
CA LEU B 74 0.81 -2.53 4.60
C LEU B 74 2.19 -2.67 5.26
N GLY B 75 2.83 -1.56 5.63
CA GLY B 75 4.11 -1.56 6.38
C GLY B 75 5.31 -1.80 5.49
N PHE B 76 5.36 -1.12 4.33
CA PHE B 76 6.53 -1.06 3.41
C PHE B 76 6.97 0.40 3.28
N GLU B 77 7.27 1.03 4.42
CA GLU B 77 7.59 2.48 4.51
C GLU B 77 8.84 2.77 3.67
N ASN B 78 9.94 2.04 3.94
CA ASN B 78 11.24 2.20 3.26
C ASN B 78 11.04 2.17 1.73
N TYR B 79 10.16 1.31 1.23
CA TYR B 79 9.83 1.17 -0.22
C TYR B 79 9.02 2.39 -0.68
N ALA B 80 8.00 2.77 0.08
CA ALA B 80 7.05 3.86 -0.24
C ALA B 80 7.79 5.21 -0.30
N GLU B 81 8.64 5.48 0.68
CA GLU B 81 9.41 6.76 0.79
C GLU B 81 10.55 6.76 -0.23
N ALA B 82 10.98 5.59 -0.71
CA ALA B 82 12.04 5.43 -1.73
C ALA B 82 11.46 5.67 -3.13
N LEU B 83 10.24 5.20 -3.39
CA LEU B 83 9.57 5.30 -4.71
C LEU B 83 8.88 6.66 -4.84
N LYS B 84 8.80 7.40 -3.75
CA LYS B 84 8.29 8.79 -3.81
C LYS B 84 9.30 9.57 -4.66
N ILE B 85 10.58 9.19 -4.52
CA ILE B 85 11.75 9.89 -5.12
C ILE B 85 11.74 9.65 -6.64
N TYR B 86 11.33 8.44 -7.05
CA TYR B 86 11.30 7.98 -8.46
C TYR B 86 10.09 8.58 -9.18
N LEU B 87 8.96 8.66 -8.47
CA LEU B 87 7.68 9.24 -8.97
C LEU B 87 7.83 10.75 -9.12
N SER B 88 8.51 11.41 -8.18
CA SER B 88 8.71 12.87 -8.13
C SER B 88 9.61 13.35 -9.27
N LYS B 89 10.53 12.51 -9.74
CA LYS B 89 11.45 12.81 -10.88
C LYS B 89 10.75 12.50 -12.21
N TYR B 90 9.77 11.58 -12.18
CA TYR B 90 8.91 11.22 -13.33
C TYR B 90 7.91 12.35 -13.58
N ARG B 91 7.16 12.73 -12.53
CA ARG B 91 6.03 13.70 -12.58
C ARG B 91 6.48 15.05 -13.17
N GLU B 92 7.67 15.52 -12.79
CA GLU B 92 8.27 16.77 -13.33
C GLU B 92 8.88 16.49 -14.71
N GLY C 2 7.46 4.27 11.48
CA GLY C 2 8.89 3.85 11.39
C GLY C 2 9.37 3.76 9.97
N THR C 3 9.80 4.89 9.40
CA THR C 3 10.17 5.06 7.96
C THR C 3 11.35 4.16 7.60
N TRP C 4 12.39 4.10 8.45
CA TRP C 4 13.64 3.33 8.21
C TRP C 4 13.79 2.21 9.24
N ALA C 5 12.68 1.80 9.87
CA ALA C 5 12.62 0.67 10.83
C ALA C 5 12.65 -0.66 10.06
N ASN C 6 12.10 -0.70 8.84
CA ASN C 6 11.93 -1.92 8.01
C ASN C 6 13.25 -2.31 7.33
N VAL C 7 14.16 -1.35 7.18
CA VAL C 7 15.49 -1.53 6.52
C VAL C 7 16.27 -2.64 7.24
N ASN C 8 16.33 -2.56 8.58
CA ASN C 8 17.11 -3.48 9.45
C ASN C 8 16.15 -4.20 10.43
N GLN C 9 15.49 -5.26 9.96
CA GLN C 9 14.59 -6.13 10.77
C GLN C 9 15.06 -7.58 10.68
N GLY C 10 15.18 -8.26 11.83
CA GLY C 10 15.58 -9.68 11.94
C GLY C 10 17.06 -9.90 11.66
N LEU C 11 17.80 -8.83 11.33
CA LEU C 11 19.24 -8.85 10.98
C LEU C 11 20.06 -8.34 12.17
N GLN C 12 21.30 -8.81 12.32
CA GLN C 12 22.17 -8.50 13.49
C GLN C 12 23.64 -8.40 13.05
N GLY C 13 24.39 -7.45 13.63
CA GLY C 13 25.85 -7.30 13.47
C GLY C 13 26.23 -6.80 12.08
N THR C 14 26.88 -7.64 11.28
CA THR C 14 27.42 -7.30 9.94
C THR C 14 26.29 -7.29 8.89
N ALA C 15 25.23 -8.07 9.12
CA ALA C 15 24.09 -8.28 8.20
C ALA C 15 23.31 -6.97 7.98
N ARG C 16 23.06 -6.21 9.07
CA ARG C 16 22.37 -4.89 9.03
C ARG C 16 23.17 -3.90 8.18
N ASP C 17 24.48 -3.78 8.43
CA ASP C 17 25.40 -2.82 7.77
C ASP C 17 25.35 -3.00 6.25
N ILE C 18 25.33 -4.25 5.77
CA ILE C 18 25.35 -4.61 4.31
C ILE C 18 24.05 -4.10 3.66
N LEU C 19 22.91 -4.34 4.32
CA LEU C 19 21.57 -3.97 3.81
C LEU C 19 21.40 -2.45 3.85
N THR C 20 21.83 -1.80 4.93
CA THR C 20 21.79 -0.32 5.12
C THR C 20 22.55 0.36 3.98
N THR C 21 23.78 -0.08 3.70
CA THR C 21 24.65 0.47 2.63
C THR C 21 23.93 0.37 1.28
N TYR C 22 23.20 -0.72 1.04
CA TYR C 22 22.41 -0.95 -0.20
C TYR C 22 21.31 0.11 -0.30
N TRP C 23 20.51 0.30 0.76
CA TRP C 23 19.41 1.30 0.81
C TRP C 23 19.96 2.71 0.61
N GLN C 24 21.08 3.05 1.26
CA GLN C 24 21.74 4.37 1.10
C GLN C 24 22.22 4.53 -0.34
N HIS C 25 22.67 3.45 -0.99
CA HIS C 25 23.07 3.44 -2.42
C HIS C 25 21.82 3.58 -3.29
N VAL C 26 20.76 2.82 -2.97
CA VAL C 26 19.44 2.85 -3.66
C VAL C 26 18.92 4.30 -3.65
N ILE C 27 18.95 4.93 -2.48
CA ILE C 27 18.58 6.36 -2.27
C ILE C 27 19.44 7.24 -3.19
N ASN C 28 20.77 7.21 -3.01
CA ASN C 28 21.75 8.06 -3.75
C ASN C 28 21.48 7.97 -5.25
N HIS C 29 21.37 6.75 -5.81
CA HIS C 29 21.12 6.52 -7.26
C HIS C 29 19.78 7.16 -7.64
N LEU C 30 18.74 6.97 -6.81
CA LEU C 30 17.38 7.53 -7.05
C LEU C 30 17.41 9.06 -6.92
N GLU C 31 18.25 9.61 -6.04
CA GLU C 31 18.32 11.05 -5.73
C GLU C 31 19.08 11.80 -6.83
N SER C 32 20.20 11.25 -7.30
CA SER C 32 21.17 11.94 -8.20
C SER C 32 20.96 11.52 -9.66
N ASP C 33 21.25 10.26 -9.98
CA ASP C 33 21.37 9.73 -11.36
C ASP C 33 20.08 10.01 -12.14
N ASN C 34 20.22 10.44 -13.41
CA ASN C 34 19.11 10.68 -14.37
C ASN C 34 18.58 9.32 -14.87
N HIS C 35 17.28 9.08 -14.73
CA HIS C 35 16.61 7.77 -14.99
C HIS C 35 15.97 7.76 -16.38
N ASP C 36 16.38 6.81 -17.21
CA ASP C 36 15.66 6.40 -18.45
C ASP C 36 14.50 5.50 -18.02
N TYR C 37 13.27 6.01 -18.06
CA TYR C 37 12.04 5.31 -17.57
C TYR C 37 11.59 4.25 -18.59
N LYS C 38 12.28 4.15 -19.73
CA LYS C 38 12.10 3.06 -20.73
C LYS C 38 12.90 1.83 -20.28
N ILE C 39 14.16 2.03 -19.85
CA ILE C 39 15.08 0.94 -19.42
C ILE C 39 14.62 0.38 -18.07
N HIS C 40 14.44 -0.94 -18.01
CA HIS C 40 14.03 -1.70 -16.80
C HIS C 40 14.52 -3.15 -16.91
N GLN C 41 14.86 -3.77 -15.78
CA GLN C 41 15.22 -5.22 -15.70
C GLN C 41 13.95 -6.05 -15.94
N LEU C 42 12.88 -5.75 -15.20
CA LEU C 42 11.55 -6.40 -15.30
C LEU C 42 10.71 -5.63 -16.30
N PRO C 43 10.08 -6.31 -17.29
CA PRO C 43 9.30 -5.63 -18.32
C PRO C 43 7.94 -5.15 -17.79
N LEU C 44 7.57 -3.91 -18.14
CA LEU C 44 6.40 -3.17 -17.61
C LEU C 44 5.12 -3.93 -17.98
N ALA C 45 5.02 -4.41 -19.22
CA ALA C 45 3.87 -5.17 -19.75
C ALA C 45 3.44 -6.25 -18.75
N ARG C 46 4.39 -7.05 -18.26
CA ARG C 46 4.11 -8.25 -17.41
C ARG C 46 3.67 -7.79 -16.01
N ILE C 47 4.25 -6.69 -15.51
CA ILE C 47 3.89 -6.08 -14.19
C ILE C 47 2.42 -5.63 -14.24
N LYS C 48 2.01 -5.02 -15.36
CA LYS C 48 0.62 -4.57 -15.59
C LYS C 48 -0.31 -5.81 -15.65
N LYS C 49 0.14 -6.87 -16.31
CA LYS C 49 -0.63 -8.14 -16.44
C LYS C 49 -0.84 -8.76 -15.06
N VAL C 50 0.24 -8.90 -14.28
CA VAL C 50 0.21 -9.40 -12.87
C VAL C 50 -0.84 -8.61 -12.09
N MET C 51 -0.85 -7.28 -12.26
CA MET C 51 -1.82 -6.38 -11.59
C MET C 51 -3.23 -6.69 -12.11
N LYS C 52 -3.40 -6.71 -13.44
CA LYS C 52 -4.71 -6.82 -14.13
C LYS C 52 -5.28 -8.24 -13.97
N ALA C 53 -4.49 -9.19 -13.48
CA ALA C 53 -4.90 -10.59 -13.17
C ALA C 53 -6.00 -10.62 -12.11
N ASP C 54 -6.10 -9.57 -11.28
CA ASP C 54 -7.16 -9.37 -10.25
C ASP C 54 -8.34 -8.66 -10.90
N PRO C 55 -9.51 -9.33 -11.09
CA PRO C 55 -10.66 -8.70 -11.74
C PRO C 55 -11.17 -7.44 -11.02
N GLU C 56 -10.88 -7.32 -9.73
CA GLU C 56 -11.16 -6.12 -8.88
C GLU C 56 -10.56 -4.88 -9.57
N VAL C 57 -9.29 -4.98 -9.98
CA VAL C 57 -8.55 -3.93 -10.75
C VAL C 57 -9.20 -3.83 -12.13
N LYS C 58 -9.36 -2.60 -12.65
CA LYS C 58 -9.99 -2.33 -13.96
C LYS C 58 -9.01 -1.52 -14.82
N MET C 59 -8.78 -0.26 -14.49
CA MET C 59 -7.85 0.66 -15.21
C MET C 59 -6.63 0.93 -14.33
N ILE C 60 -5.45 1.02 -14.94
CA ILE C 60 -4.14 1.28 -14.25
C ILE C 60 -3.47 2.47 -14.94
N SER C 61 -2.78 3.33 -14.15
CA SER C 61 -1.93 4.43 -14.65
C SER C 61 -0.65 3.86 -15.25
N ALA C 62 0.05 4.64 -16.09
CA ALA C 62 1.36 4.27 -16.68
C ALA C 62 2.42 4.25 -15.59
N GLU C 63 2.21 5.00 -14.51
CA GLU C 63 3.17 5.20 -13.39
C GLU C 63 3.33 3.90 -12.60
N ALA C 64 2.22 3.34 -12.09
CA ALA C 64 2.21 2.19 -11.15
C ALA C 64 3.14 1.09 -11.64
N PRO C 65 3.04 0.61 -12.91
CA PRO C 65 3.98 -0.38 -13.43
C PRO C 65 5.45 0.04 -13.27
N ILE C 66 5.76 1.29 -13.64
CA ILE C 66 7.14 1.87 -13.59
C ILE C 66 7.65 1.84 -12.14
N LEU C 67 6.79 2.18 -11.17
CA LEU C 67 7.16 2.20 -9.73
C LEU C 67 7.43 0.76 -9.25
N PHE C 68 6.59 -0.20 -9.62
CA PHE C 68 6.73 -1.63 -9.28
C PHE C 68 8.05 -2.17 -9.82
N ALA C 69 8.37 -1.88 -11.09
CA ALA C 69 9.59 -2.34 -11.79
C ALA C 69 10.82 -2.08 -10.90
N LYS C 70 11.01 -0.82 -10.51
CA LYS C 70 12.10 -0.36 -9.60
C LYS C 70 11.89 -0.97 -8.21
N GLY C 71 10.67 -0.83 -7.66
CA GLY C 71 10.27 -1.36 -6.36
C GLY C 71 10.48 -2.85 -6.24
N CYS C 72 10.39 -3.59 -7.36
CA CYS C 72 10.60 -5.05 -7.42
C CYS C 72 12.10 -5.34 -7.53
N ASP C 73 12.80 -4.67 -8.44
CA ASP C 73 14.27 -4.84 -8.65
C ASP C 73 14.99 -4.72 -7.30
N VAL C 74 14.59 -3.74 -6.49
CA VAL C 74 15.14 -3.55 -5.12
C VAL C 74 14.67 -4.72 -4.25
N PHE C 75 13.37 -5.04 -4.26
CA PHE C 75 12.73 -6.05 -3.38
C PHE C 75 13.46 -7.40 -3.51
N ILE C 76 13.66 -7.84 -4.75
CA ILE C 76 14.39 -9.09 -5.10
C ILE C 76 15.80 -8.99 -4.52
N THR C 77 16.56 -7.99 -4.99
CA THR C 77 17.98 -7.77 -4.63
C THR C 77 18.13 -7.79 -3.11
N GLU C 78 17.20 -7.16 -2.37
CA GLU C 78 17.21 -7.07 -0.89
C GLU C 78 17.08 -8.48 -0.29
N LEU C 79 16.04 -9.21 -0.69
CA LEU C 79 15.75 -10.59 -0.22
C LEU C 79 16.92 -11.52 -0.59
N THR C 80 17.29 -11.55 -1.87
CA THR C 80 18.38 -12.41 -2.42
C THR C 80 19.66 -12.23 -1.58
N MET C 81 20.03 -10.98 -1.27
CA MET C 81 21.17 -10.63 -0.39
C MET C 81 20.90 -11.18 1.02
N ARG C 82 19.77 -10.82 1.63
CA ARG C 82 19.34 -11.33 2.95
C ARG C 82 19.53 -12.85 3.00
N ALA C 83 19.08 -13.56 1.95
CA ALA C 83 19.10 -15.04 1.84
C ALA C 83 20.55 -15.54 1.75
N TRP C 84 21.42 -14.81 1.06
CA TRP C 84 22.85 -15.18 0.84
C TRP C 84 23.55 -15.35 2.19
N ILE C 85 23.17 -14.54 3.19
CA ILE C 85 23.78 -14.52 4.56
C ILE C 85 23.62 -15.91 5.19
N HIS C 86 22.46 -16.56 4.99
CA HIS C 86 22.17 -17.93 5.50
C HIS C 86 23.08 -18.95 4.82
N ALA C 87 23.13 -18.94 3.48
CA ALA C 87 24.00 -19.83 2.67
C ALA C 87 25.45 -19.68 3.14
N GLU C 88 25.96 -18.43 3.15
CA GLU C 88 27.36 -18.09 3.55
C GLU C 88 27.59 -18.52 5.00
N ASP C 89 26.55 -18.42 5.85
CA ASP C 89 26.59 -18.82 7.28
C ASP C 89 26.76 -20.34 7.41
N ASN C 90 26.13 -21.11 6.53
CA ASN C 90 26.15 -22.60 6.53
C ASN C 90 27.13 -23.13 5.48
N LYS C 91 28.12 -22.32 5.09
CA LYS C 91 29.23 -22.68 4.16
C LYS C 91 28.67 -23.31 2.88
N ARG C 92 27.73 -22.62 2.23
CA ARG C 92 27.16 -22.99 0.90
C ARG C 92 27.43 -21.85 -0.10
N ARG C 93 27.85 -22.21 -1.32
CA ARG C 93 28.03 -21.26 -2.46
C ARG C 93 26.82 -21.38 -3.39
N THR C 94 25.80 -22.13 -3.00
CA THR C 94 24.55 -22.39 -3.77
C THR C 94 23.35 -21.90 -2.95
N LEU C 95 22.68 -20.84 -3.43
CA LEU C 95 21.44 -20.31 -2.82
C LEU C 95 20.32 -21.34 -3.01
N GLN C 96 19.63 -21.69 -1.92
CA GLN C 96 18.56 -22.73 -1.90
C GLN C 96 17.24 -22.08 -1.47
N ARG C 97 16.13 -22.71 -1.82
CA ARG C 97 14.74 -22.30 -1.47
C ARG C 97 14.65 -22.09 0.05
N SER C 98 15.34 -22.92 0.82
CA SER C 98 15.42 -22.89 2.31
C SER C 98 16.12 -21.61 2.79
N ASP C 99 17.15 -21.17 2.05
CA ASP C 99 17.96 -19.97 2.39
C ASP C 99 17.08 -18.72 2.27
N ILE C 100 16.22 -18.67 1.23
CA ILE C 100 15.19 -17.60 1.06
C ILE C 100 14.20 -17.73 2.22
N ALA C 101 13.57 -18.91 2.35
CA ALA C 101 12.59 -19.24 3.41
C ALA C 101 13.10 -18.75 4.77
N ALA C 102 14.41 -18.93 5.02
CA ALA C 102 15.08 -18.55 6.29
C ALA C 102 15.08 -17.03 6.45
N ALA C 103 15.46 -16.30 5.40
CA ALA C 103 15.52 -14.82 5.39
C ALA C 103 14.12 -14.23 5.61
N LEU C 104 13.11 -14.80 4.96
CA LEU C 104 11.70 -14.29 4.97
C LEU C 104 11.15 -14.26 6.39
N SER C 105 11.51 -15.25 7.22
CA SER C 105 11.02 -15.41 8.61
C SER C 105 11.61 -14.32 9.51
N LYS C 106 12.81 -13.83 9.19
CA LYS C 106 13.58 -12.89 10.04
C LYS C 106 12.75 -11.64 10.34
N SER C 107 12.21 -10.99 9.30
CA SER C 107 11.41 -9.74 9.39
C SER C 107 9.91 -10.07 9.34
N ASP C 108 9.08 -9.28 10.04
CA ASP C 108 7.60 -9.37 10.00
C ASP C 108 7.08 -8.56 8.81
N MET C 109 7.98 -8.17 7.90
CA MET C 109 7.67 -7.45 6.62
C MET C 109 7.31 -8.48 5.55
N PHE C 110 7.87 -9.68 5.62
CA PHE C 110 7.63 -10.80 4.66
C PHE C 110 6.57 -11.76 5.22
N ASP C 111 5.54 -11.23 5.91
CA ASP C 111 4.45 -12.03 6.52
C ASP C 111 3.42 -12.38 5.44
N PHE C 112 3.40 -11.64 4.34
CA PHE C 112 2.45 -11.83 3.21
C PHE C 112 2.85 -13.06 2.39
N LEU C 113 4.13 -13.46 2.42
CA LEU C 113 4.68 -14.58 1.62
C LEU C 113 4.53 -15.92 2.36
N ILE C 114 3.92 -15.92 3.55
CA ILE C 114 3.76 -17.13 4.41
C ILE C 114 3.13 -18.26 3.60
N ASP C 115 2.14 -17.95 2.75
CA ASP C 115 1.41 -18.94 1.90
C ASP C 115 2.33 -19.45 0.79
N ILE C 116 3.25 -18.63 0.30
CA ILE C 116 4.14 -18.94 -0.86
C ILE C 116 5.21 -19.93 -0.42
N VAL C 117 5.82 -19.71 0.75
CA VAL C 117 6.85 -20.60 1.34
C VAL C 117 6.56 -20.75 2.83
N PRO C 118 5.63 -21.65 3.23
CA PRO C 118 5.37 -21.93 4.64
C PRO C 118 6.53 -22.68 5.33
N ARG C 119 7.06 -23.71 4.67
CA ARG C 119 8.18 -24.56 5.15
C ARG C 119 7.99 -24.88 6.64
N VAL D 3 18.39 5.56 8.32
CA VAL D 3 19.28 5.90 7.16
C VAL D 3 19.04 7.36 6.77
N THR D 4 19.81 7.87 5.80
CA THR D 4 19.82 9.29 5.35
C THR D 4 19.10 9.40 4.00
N SER D 5 18.20 10.37 3.87
CA SER D 5 17.43 10.71 2.63
C SER D 5 16.92 12.15 2.73
N LYS D 6 17.01 12.92 1.63
CA LYS D 6 16.47 14.30 1.53
C LYS D 6 14.94 14.25 1.60
N GLU D 7 14.30 15.35 2.01
CA GLU D 7 12.82 15.48 2.12
C GLU D 7 12.27 15.91 0.75
N TRP D 8 12.04 14.93 -0.14
CA TRP D 8 11.43 15.13 -1.49
C TRP D 8 9.92 15.35 -1.35
N ILE D 9 9.31 15.94 -2.38
CA ILE D 9 7.87 16.33 -2.41
C ILE D 9 7.29 15.96 -3.77
N ILE D 10 6.25 15.13 -3.79
CA ILE D 10 5.56 14.68 -5.05
C ILE D 10 4.84 15.89 -5.65
N PRO D 11 5.21 16.31 -6.87
CA PRO D 11 4.46 17.36 -7.56
C PRO D 11 3.17 16.78 -8.13
N PRO D 12 2.05 17.54 -8.12
CA PRO D 12 0.76 17.01 -8.57
C PRO D 12 0.74 16.81 -10.10
N ARG D 13 0.11 15.73 -10.54
CA ARG D 13 0.01 15.33 -11.97
C ARG D 13 -0.76 16.42 -12.73
N PRO D 14 -0.42 16.68 -14.02
CA PRO D 14 -0.94 17.85 -14.73
C PRO D 14 -2.47 17.79 -14.82
N LYS D 15 -3.14 18.83 -14.33
CA LYS D 15 -4.64 18.95 -14.29
C LYS D 15 -5.17 18.95 -15.71
N PRO D 16 -6.15 18.06 -16.04
CA PRO D 16 -6.74 18.04 -17.37
C PRO D 16 -7.69 19.23 -17.54
N GLY D 17 -8.14 19.49 -18.76
CA GLY D 17 -9.05 20.61 -19.08
C GLY D 17 -8.59 21.40 -20.28
N ARG D 18 -9.43 22.36 -20.69
CA ARG D 18 -9.11 23.24 -21.83
C ARG D 18 -8.06 24.27 -21.43
N LYS D 19 -7.21 24.66 -22.37
CA LYS D 19 -6.14 25.66 -22.13
C LYS D 19 -6.79 26.94 -21.62
N PRO D 20 -6.34 27.50 -20.48
CA PRO D 20 -6.90 28.77 -19.98
C PRO D 20 -6.55 29.90 -20.96
N ALA D 21 -7.58 30.53 -21.56
CA ALA D 21 -7.45 31.60 -22.57
C ALA D 21 -6.52 32.69 -22.06
N THR D 22 -5.36 32.86 -22.70
CA THR D 22 -4.33 33.88 -22.37
C THR D 22 -4.74 35.24 -22.96
N ASP D 23 -5.36 35.23 -24.14
CA ASP D 23 -5.79 36.44 -24.89
C ASP D 23 -6.80 37.24 -24.07
N THR D 24 -6.53 38.53 -23.86
CA THR D 24 -7.41 39.51 -23.16
C THR D 24 -8.61 39.81 -24.05
N PRO D 25 -9.85 39.88 -23.52
CA PRO D 25 -11.01 40.24 -24.32
C PRO D 25 -11.00 41.73 -24.67
N PRO D 26 -11.43 42.12 -25.89
CA PRO D 26 -11.20 43.47 -26.39
C PRO D 26 -12.27 44.49 -25.96
N THR D 27 -13.38 44.01 -25.40
CA THR D 27 -14.55 44.84 -24.96
C THR D 27 -14.84 44.54 -23.48
N LYS D 28 -15.18 45.57 -22.71
CA LYS D 28 -15.41 45.49 -21.24
C LYS D 28 -16.62 44.60 -20.94
N ARG D 29 -17.61 44.58 -21.83
CA ARG D 29 -18.90 43.82 -21.65
C ARG D 29 -18.63 42.31 -21.70
N LYS D 30 -17.60 41.87 -22.42
CA LYS D 30 -17.17 40.45 -22.52
C LYS D 30 -16.09 40.16 -21.46
N ALA D 31 -15.37 41.19 -21.01
CA ALA D 31 -14.39 41.12 -19.91
C ALA D 31 -15.10 40.86 -18.59
N GLN D 32 -16.14 41.65 -18.28
CA GLN D 32 -16.97 41.52 -17.05
C GLN D 32 -17.73 40.18 -17.08
N ASN D 33 -18.06 39.69 -18.28
CA ASN D 33 -18.79 38.40 -18.49
C ASN D 33 -17.86 37.24 -18.15
N ARG D 34 -16.75 37.08 -18.87
CA ARG D 34 -15.82 35.94 -18.62
C ARG D 34 -15.39 35.95 -17.15
N ALA D 35 -14.98 37.11 -16.64
CA ALA D 35 -14.54 37.30 -15.24
C ALA D 35 -15.62 36.82 -14.27
N ALA D 36 -16.88 37.21 -14.50
CA ALA D 36 -18.05 36.83 -13.69
C ALA D 36 -18.35 35.34 -13.88
N GLN D 37 -18.08 34.79 -15.06
CA GLN D 37 -18.31 33.34 -15.30
C GLN D 37 -17.11 32.57 -14.76
N ARG D 38 -15.93 33.19 -14.80
CA ARG D 38 -14.73 32.57 -14.18
C ARG D 38 -15.01 32.40 -12.69
N ALA D 39 -15.64 33.40 -12.07
CA ALA D 39 -16.05 33.43 -10.65
C ALA D 39 -17.14 32.38 -10.39
N PHE D 40 -17.98 32.09 -11.39
CA PHE D 40 -19.08 31.09 -11.33
C PHE D 40 -18.48 29.69 -11.17
N ARG D 41 -17.46 29.36 -11.99
CA ARG D 41 -16.76 28.04 -11.99
C ARG D 41 -15.81 27.96 -10.79
N GLU D 42 -15.16 29.08 -10.44
CA GLU D 42 -14.24 29.20 -9.28
C GLU D 42 -15.02 28.96 -7.98
N ARG D 43 -16.18 29.62 -7.82
CA ARG D 43 -17.04 29.58 -6.60
C ARG D 43 -17.64 28.18 -6.45
N ARG D 44 -18.20 27.59 -7.50
CA ARG D 44 -18.90 26.29 -7.32
C ARG D 44 -17.89 25.17 -7.08
N ALA D 45 -16.79 25.15 -7.83
CA ALA D 45 -15.79 24.06 -7.71
C ALA D 45 -15.12 24.08 -6.32
N ALA D 46 -15.10 25.23 -5.65
CA ALA D 46 -14.45 25.45 -4.33
C ALA D 46 -15.33 24.89 -3.21
N ARG D 47 -16.65 25.06 -3.32
CA ARG D 47 -17.63 24.69 -2.25
C ARG D 47 -17.62 23.18 -2.00
N VAL D 48 -17.47 22.37 -3.05
CA VAL D 48 -17.42 20.87 -2.96
C VAL D 48 -16.13 20.45 -2.23
N SER D 49 -15.04 21.21 -2.43
CA SER D 49 -13.74 21.02 -1.72
C SER D 49 -13.87 21.52 -0.27
N GLU D 50 -14.60 22.61 -0.06
CA GLU D 50 -14.85 23.21 1.29
C GLU D 50 -15.77 22.29 2.11
N LEU D 51 -16.65 21.54 1.44
CA LEU D 51 -17.55 20.54 2.10
C LEU D 51 -16.74 19.29 2.48
N GLU D 52 -15.78 18.88 1.64
CA GLU D 52 -14.83 17.79 1.94
C GLU D 52 -13.92 18.20 3.12
N ASP D 53 -13.66 19.50 3.27
CA ASP D 53 -12.93 20.08 4.44
C ASP D 53 -13.87 20.07 5.65
N GLN D 54 -15.14 20.45 5.45
CA GLN D 54 -16.18 20.48 6.52
C GLN D 54 -16.37 19.06 7.08
N ILE D 55 -16.31 18.04 6.22
CA ILE D 55 -16.34 16.60 6.62
C ILE D 55 -15.21 16.35 7.62
N LYS D 56 -13.97 16.69 7.25
CA LYS D 56 -12.75 16.44 8.06
C LYS D 56 -12.75 17.30 9.32
N LYS D 57 -13.34 18.50 9.27
CA LYS D 57 -13.43 19.41 10.45
C LYS D 57 -14.22 18.73 11.56
N ILE D 58 -15.41 18.19 11.24
CA ILE D 58 -16.29 17.45 12.18
C ILE D 58 -15.60 16.14 12.58
N GLU D 59 -14.95 15.47 11.62
CA GLU D 59 -14.23 14.18 11.83
C GLU D 59 -13.15 14.37 12.91
N ASP D 60 -12.40 15.47 12.84
CA ASP D 60 -11.22 15.77 13.70
C ASP D 60 -11.70 16.40 15.01
N ASP D 61 -12.73 17.26 14.98
CA ASP D 61 -13.31 17.91 16.18
C ASP D 61 -14.07 16.88 17.03
N HIS D 62 -14.45 15.75 16.45
CA HIS D 62 -15.12 14.61 17.14
C HIS D 62 -14.07 13.66 17.73
N GLU D 63 -12.97 13.44 17.01
CA GLU D 63 -11.87 12.52 17.43
C GLU D 63 -11.22 13.02 18.72
N ILE D 64 -10.97 14.32 18.84
CA ILE D 64 -10.39 14.97 20.05
C ILE D 64 -11.41 14.94 21.19
N HIS D 65 -12.71 15.03 20.87
CA HIS D 65 -13.84 14.91 21.84
C HIS D 65 -13.91 13.47 22.35
N VAL D 66 -13.86 12.49 21.44
CA VAL D 66 -13.85 11.02 21.74
C VAL D 66 -12.65 10.73 22.66
N ALA D 67 -11.46 11.23 22.30
CA ALA D 67 -10.21 11.05 23.07
C ALA D 67 -10.37 11.64 24.49
N THR D 68 -11.06 12.77 24.61
CA THR D 68 -11.25 13.51 25.89
C THR D 68 -12.29 12.80 26.76
N PHE D 69 -13.35 12.24 26.17
CA PHE D 69 -14.42 11.49 26.87
C PHE D 69 -13.91 10.11 27.29
N LYS D 70 -13.09 9.47 26.44
CA LYS D 70 -12.48 8.13 26.70
C LYS D 70 -11.36 8.26 27.73
N GLU D 71 -10.82 9.46 27.92
CA GLU D 71 -9.85 9.81 28.98
C GLU D 71 -10.61 10.07 30.29
N GLN D 72 -11.69 10.87 30.21
CA GLN D 72 -12.46 11.37 31.38
C GLN D 72 -13.13 10.20 32.12
N ILE D 73 -13.58 9.16 31.39
CA ILE D 73 -14.27 7.96 31.97
C ILE D 73 -13.23 7.01 32.58
N ALA D 74 -12.03 6.92 31.98
CA ALA D 74 -10.91 6.08 32.45
C ALA D 74 -10.41 6.61 33.82
N ASN D 75 -10.32 7.93 33.97
CA ASN D 75 -9.95 8.62 35.24
C ASN D 75 -11.05 8.35 36.28
N LEU D 76 -12.32 8.54 35.88
CA LEU D 76 -13.51 8.35 36.74
C LEU D 76 -13.76 6.85 36.95
N SER D 77 -13.15 5.99 36.12
CA SER D 77 -13.14 4.51 36.26
C SER D 77 -12.10 4.09 37.31
N ARG D 78 -10.96 4.78 37.37
CA ARG D 78 -9.91 4.55 38.40
C ARG D 78 -10.40 5.06 39.76
N GLU D 79 -10.99 6.26 39.79
CA GLU D 79 -11.57 6.89 41.00
C GLU D 79 -12.44 5.88 41.75
N VAL D 80 -13.26 5.10 41.02
CA VAL D 80 -14.17 4.05 41.59
C VAL D 80 -13.31 2.96 42.22
N GLU D 81 -12.33 2.42 41.48
CA GLU D 81 -11.43 1.31 41.93
C GLU D 81 -10.55 1.77 43.10
N GLN D 82 -10.05 3.02 43.05
CA GLN D 82 -9.33 3.68 44.16
C GLN D 82 -10.24 3.73 45.39
N CYS D 83 -11.41 4.35 45.25
CA CYS D 83 -12.41 4.58 46.32
C CYS D 83 -12.90 3.23 46.88
N ARG D 84 -12.91 2.19 46.04
CA ARG D 84 -13.39 0.83 46.41
C ARG D 84 -12.41 0.17 47.39
N THR D 85 -11.10 0.16 47.07
CA THR D 85 -10.05 -0.51 47.89
C THR D 85 -9.68 0.34 49.10
N GLU D 86 -9.56 1.67 48.93
CA GLU D 86 -9.29 2.63 50.02
C GLU D 86 -10.36 2.49 51.10
N MET D 87 -11.65 2.45 50.70
CA MET D 87 -12.81 2.19 51.59
C MET D 87 -12.60 0.84 52.30
N GLY D 88 -12.17 -0.19 51.57
CA GLY D 88 -11.84 -1.52 52.10
C GLY D 88 -10.85 -1.46 53.25
N TRP D 89 -9.87 -0.56 53.16
CA TRP D 89 -8.77 -0.38 54.17
C TRP D 89 -9.30 0.29 55.44
N TRP D 90 -10.17 1.30 55.31
CA TRP D 90 -10.77 2.04 56.46
C TRP D 90 -11.79 1.14 57.17
N ARG D 91 -12.45 0.25 56.42
CA ARG D 91 -13.53 -0.64 56.93
C ARG D 91 -12.94 -1.67 57.91
N ASP D 92 -11.96 -2.45 57.46
CA ASP D 92 -11.41 -3.60 58.23
C ASP D 92 -10.46 -3.13 59.34
N ARG D 93 -10.06 -1.85 59.34
CA ARG D 93 -9.26 -1.21 60.41
C ARG D 93 -10.18 -0.67 61.52
N SER D 94 -11.43 -0.36 61.18
CA SER D 94 -12.50 -0.02 62.17
C SER D 94 -12.90 -1.28 62.94
N HIS D 95 -12.80 -2.44 62.28
CA HIS D 95 -13.14 -3.78 62.83
C HIS D 95 -11.87 -4.45 63.39
N THR E 27 -21.81 16.78 -35.82
CA THR E 27 -21.33 15.40 -36.13
C THR E 27 -21.77 14.45 -35.01
N LYS E 28 -21.46 13.15 -35.14
CA LYS E 28 -21.75 12.11 -34.13
C LYS E 28 -20.79 12.25 -32.94
N ARG E 29 -19.53 12.61 -33.19
CA ARG E 29 -18.54 12.79 -32.09
C ARG E 29 -19.04 13.90 -31.16
N LYS E 30 -19.50 15.02 -31.72
CA LYS E 30 -19.98 16.18 -30.93
C LYS E 30 -21.06 15.75 -29.94
N ALA E 31 -21.97 14.87 -30.36
CA ALA E 31 -23.10 14.34 -29.55
C ALA E 31 -22.56 13.43 -28.44
N GLN E 32 -21.43 12.74 -28.68
CA GLN E 32 -20.75 11.85 -27.71
C GLN E 32 -20.20 12.69 -26.55
N ASN E 33 -19.95 13.99 -26.78
CA ASN E 33 -19.46 14.97 -25.78
C ASN E 33 -20.62 15.49 -24.93
N ARG E 34 -21.73 15.90 -25.58
CA ARG E 34 -22.95 16.40 -24.92
C ARG E 34 -23.38 15.44 -23.81
N ALA E 35 -23.70 14.19 -24.18
CA ALA E 35 -24.20 13.11 -23.31
C ALA E 35 -23.15 12.78 -22.23
N ALA E 36 -21.87 12.85 -22.58
CA ALA E 36 -20.72 12.62 -21.67
C ALA E 36 -20.67 13.74 -20.63
N GLN E 37 -21.01 14.98 -21.02
CA GLN E 37 -21.02 16.11 -20.07
C GLN E 37 -22.32 16.04 -19.25
N ARG E 38 -23.43 15.73 -19.91
CA ARG E 38 -24.73 15.59 -19.19
C ARG E 38 -24.58 14.52 -18.09
N ALA E 39 -23.72 13.52 -18.31
CA ALA E 39 -23.39 12.44 -17.33
C ALA E 39 -22.45 12.99 -16.25
N PHE E 40 -21.48 13.83 -16.65
CA PHE E 40 -20.51 14.51 -15.74
C PHE E 40 -21.26 15.48 -14.81
N ARG E 41 -22.26 16.19 -15.33
CA ARG E 41 -23.07 17.19 -14.56
C ARG E 41 -23.98 16.47 -13.57
N GLU E 42 -24.49 15.29 -13.96
CA GLU E 42 -25.28 14.38 -13.08
C GLU E 42 -24.35 13.77 -12.03
N ARG E 43 -23.09 13.48 -12.38
CA ARG E 43 -22.13 12.90 -11.40
C ARG E 43 -21.79 13.93 -10.33
N ARG E 44 -21.75 15.22 -10.69
CA ARG E 44 -21.50 16.31 -9.69
C ARG E 44 -22.75 16.55 -8.85
N ALA E 45 -23.94 16.51 -9.47
CA ALA E 45 -25.25 16.73 -8.81
C ALA E 45 -25.50 15.65 -7.74
N ALA E 46 -25.09 14.41 -8.02
CA ALA E 46 -25.23 13.25 -7.12
C ALA E 46 -24.28 13.40 -5.91
N ARG E 47 -23.02 13.76 -6.17
CA ARG E 47 -21.94 13.83 -5.15
C ARG E 47 -22.22 14.97 -4.17
N VAL E 48 -22.65 16.14 -4.65
CA VAL E 48 -22.97 17.34 -3.80
C VAL E 48 -24.14 16.99 -2.88
N SER E 49 -25.12 16.21 -3.39
CA SER E 49 -26.27 15.69 -2.61
C SER E 49 -25.80 14.61 -1.64
N GLU E 50 -24.90 13.73 -2.09
CA GLU E 50 -24.33 12.59 -1.32
C GLU E 50 -23.54 13.13 -0.11
N LEU E 51 -22.69 14.15 -0.34
CA LEU E 51 -21.86 14.81 0.71
C LEU E 51 -22.79 15.51 1.71
N GLU E 52 -23.78 16.26 1.22
CA GLU E 52 -24.77 17.01 2.06
C GLU E 52 -25.52 16.03 2.97
N ASP E 53 -25.82 14.82 2.47
CA ASP E 53 -26.49 13.74 3.24
C ASP E 53 -25.50 13.11 4.22
N GLN E 54 -24.25 12.90 3.79
CA GLN E 54 -23.17 12.27 4.61
C GLN E 54 -22.87 13.16 5.84
N ILE E 55 -22.96 14.48 5.70
CA ILE E 55 -22.75 15.46 6.81
C ILE E 55 -23.89 15.34 7.82
N LYS E 56 -25.12 15.15 7.34
CA LYS E 56 -26.35 15.02 8.19
C LYS E 56 -26.30 13.69 8.96
N LYS E 57 -25.87 12.61 8.30
CA LYS E 57 -25.72 11.26 8.90
C LYS E 57 -24.67 11.31 10.01
N ILE E 58 -23.46 11.74 9.67
CA ILE E 58 -22.29 11.86 10.59
C ILE E 58 -22.68 12.71 11.81
N GLU E 59 -23.39 13.83 11.59
CA GLU E 59 -23.80 14.79 12.66
C GLU E 59 -24.76 14.10 13.64
N ASP E 60 -25.66 13.25 13.14
CA ASP E 60 -26.64 12.48 13.96
C ASP E 60 -25.90 11.38 14.72
N ASP E 61 -25.05 10.60 14.04
CA ASP E 61 -24.22 9.52 14.65
C ASP E 61 -23.38 10.10 15.78
N HIS E 62 -22.77 11.27 15.55
CA HIS E 62 -21.88 11.99 16.51
C HIS E 62 -22.70 12.50 17.70
N GLU E 63 -23.94 12.94 17.47
CA GLU E 63 -24.88 13.46 18.50
C GLU E 63 -25.31 12.32 19.43
N ILE E 64 -25.31 11.08 18.93
CA ILE E 64 -25.65 9.85 19.70
C ILE E 64 -24.46 9.48 20.60
N HIS E 65 -23.23 9.53 20.06
CA HIS E 65 -21.98 9.15 20.76
C HIS E 65 -21.72 10.10 21.94
N VAL E 66 -21.99 11.40 21.78
CA VAL E 66 -21.71 12.45 22.82
C VAL E 66 -22.72 12.32 23.98
N ALA E 67 -23.97 11.92 23.69
CA ALA E 67 -25.03 11.69 24.68
C ALA E 67 -24.80 10.36 25.40
N THR E 68 -24.26 9.36 24.68
CA THR E 68 -23.90 8.01 25.20
C THR E 68 -22.85 8.14 26.31
N PHE E 69 -21.76 8.85 26.04
CA PHE E 69 -20.59 9.00 26.96
C PHE E 69 -20.99 9.83 28.18
N LYS E 70 -21.76 10.91 27.98
CA LYS E 70 -22.25 11.80 29.06
C LYS E 70 -23.01 10.97 30.11
N GLU E 71 -23.82 10.00 29.65
CA GLU E 71 -24.59 9.06 30.51
C GLU E 71 -23.62 8.11 31.23
N GLN E 72 -22.62 7.60 30.52
CA GLN E 72 -21.57 6.69 31.09
C GLN E 72 -20.77 7.44 32.15
N ILE E 73 -20.45 8.72 31.92
CA ILE E 73 -19.74 9.60 32.90
C ILE E 73 -20.63 9.75 34.14
N ALA E 74 -21.93 9.99 33.95
CA ALA E 74 -22.93 10.16 35.03
C ALA E 74 -23.10 8.86 35.82
N ASN E 75 -23.09 7.71 35.15
CA ASN E 75 -23.22 6.35 35.76
C ASN E 75 -21.97 6.05 36.60
N LEU E 76 -20.78 6.39 36.08
CA LEU E 76 -19.50 6.26 36.80
C LEU E 76 -19.45 7.28 37.96
N SER E 77 -19.81 8.55 37.68
CA SER E 77 -19.86 9.66 38.67
C SER E 77 -20.77 9.29 39.84
N ARG E 78 -21.95 8.73 39.55
CA ARG E 78 -22.93 8.26 40.56
C ARG E 78 -22.32 7.09 41.34
N GLU E 79 -21.55 6.23 40.67
CA GLU E 79 -20.88 5.04 41.27
C GLU E 79 -19.83 5.51 42.29
N VAL E 80 -19.14 6.63 42.02
CA VAL E 80 -18.15 7.25 42.94
C VAL E 80 -18.88 7.73 44.20
N GLU E 81 -19.96 8.50 44.02
CA GLU E 81 -20.75 9.10 45.13
C GLU E 81 -21.20 8.01 46.11
N GLN E 82 -21.51 6.81 45.63
CA GLN E 82 -21.90 5.64 46.47
C GLN E 82 -20.69 5.22 47.31
N CYS E 83 -19.57 4.87 46.65
CA CYS E 83 -18.29 4.43 47.29
C CYS E 83 -17.72 5.54 48.17
N ARG E 84 -17.85 6.81 47.76
CA ARG E 84 -17.23 7.98 48.43
C ARG E 84 -18.02 8.34 49.70
N THR E 85 -19.35 8.20 49.66
CA THR E 85 -20.26 8.44 50.81
C THR E 85 -20.12 7.28 51.81
N GLU E 86 -19.77 6.08 51.33
CA GLU E 86 -19.51 4.87 52.16
C GLU E 86 -18.22 5.06 52.96
N MET E 87 -17.17 5.61 52.34
CA MET E 87 -15.85 5.83 52.99
C MET E 87 -15.99 6.87 54.11
N GLY E 88 -16.69 7.98 53.83
CA GLY E 88 -16.97 9.07 54.79
C GLY E 88 -17.78 8.57 55.98
N TRP E 89 -18.59 7.52 55.77
CA TRP E 89 -19.41 6.82 56.81
C TRP E 89 -18.49 6.20 57.87
N TRP E 90 -17.38 5.58 57.44
CA TRP E 90 -16.33 5.05 58.35
C TRP E 90 -15.58 6.22 59.00
N ARG E 91 -15.40 7.32 58.28
CA ARG E 91 -14.89 8.61 58.82
C ARG E 91 -16.01 9.32 59.58
#